data_5IF7
#
_entry.id   5IF7
#
_cell.length_a   69.210
_cell.length_b   69.210
_cell.length_c   399.480
_cell.angle_alpha   90.000
_cell.angle_beta   90.000
_cell.angle_gamma   120.000
#
_symmetry.space_group_name_H-M   'P 65 2 2'
#
loop_
_entity.id
_entity.type
_entity.pdbx_description
1 polymer 'Polymerase acidic protein'
2 non-polymer N-[(4-chlorophenyl)methyl]-1-methyl-1H-pyrazolo[3,4-d]pyrimidin-4-amine
3 non-polymer 'DIMETHYL SULFOXIDE'
4 water water
#
_entity_poly.entity_id   1
_entity_poly.type   'polypeptide(L)'
_entity_poly.pdbx_seq_one_letter_code
;GNARIEPFLKSTPRPLRLPDGPPCSQRSKFLLMDALKLSIEDPSHEGEGIPLYDAIKCMRTFFGWKEPNVVKPHEKGINP
NYLLSWKQVLAELQDIENEEKIPRTKNMKKTSQLKWALGENMAPEKVDFDDCKDVGDLKQYDSDEPELRSLASWIQNEFN
KACELTDSSWIELDEIGEDAAPIEHIASMRRNYFTAEVSHCRATEYIMKGVYINTALLNASCAAMDDFQLIPMISKCRTK
EGRRKTNLYGFIIKGRSHLRNDTDVVNFVSMEFSLTDPRLEPHKWEKYCVLEVGDMLLRSAIGHVSRPMFLYVRTNGTSK
IKMKWGMEMRRCLLQSLQQIESMIEAESSVKEKDMTKEFFENKSETWPVGESPKGVEEGSIGKVCRTLLAKSVFNSLYAS
PQLEGFSAESRKLLLIVQALRDNLEPGTFDLGGLYEAIEECLINDPWVLLNASWFNSFLTHALR
;
_entity_poly.pdbx_strand_id   A
#
loop_
_chem_comp.id
_chem_comp.type
_chem_comp.name
_chem_comp.formula
6AY non-polymer N-[(4-chlorophenyl)methyl]-1-methyl-1H-pyrazolo[3,4-d]pyrimidin-4-amine 'C13 H12 Cl N5'
DMS non-polymer 'DIMETHYL SULFOXIDE' 'C2 H6 O S'
#
# COMPACT_ATOMS: atom_id res chain seq x y z
N PRO A 15 25.84 -16.27 -8.81
CA PRO A 15 24.53 -15.70 -8.42
C PRO A 15 24.16 -15.89 -6.94
N LEU A 16 23.21 -15.08 -6.46
CA LEU A 16 22.81 -15.15 -5.07
C LEU A 16 21.98 -16.41 -4.81
N ARG A 17 22.15 -16.97 -3.61
CA ARG A 17 21.37 -18.11 -3.17
C ARG A 17 20.22 -17.61 -2.30
N LEU A 18 18.99 -17.73 -2.82
CA LEU A 18 17.79 -17.46 -2.04
C LEU A 18 17.50 -18.65 -1.13
N PRO A 19 16.83 -18.42 0.01
CA PRO A 19 16.57 -19.51 0.95
C PRO A 19 15.48 -20.46 0.46
N ASP A 20 15.49 -21.66 1.04
CA ASP A 20 14.44 -22.64 0.80
C ASP A 20 13.46 -22.64 1.97
N GLY A 21 12.20 -22.97 1.67
CA GLY A 21 11.19 -23.06 2.68
C GLY A 21 9.80 -22.91 2.10
N PRO A 22 8.79 -22.98 2.97
CA PRO A 22 7.42 -22.65 2.55
C PRO A 22 7.39 -21.28 1.88
N PRO A 23 6.40 -21.00 1.05
CA PRO A 23 6.40 -19.71 0.33
C PRO A 23 6.16 -18.54 1.26
N CYS A 24 6.78 -17.40 0.91
CA CYS A 24 6.65 -16.21 1.73
C CYS A 24 5.19 -15.76 1.79
N SER A 25 4.86 -14.98 2.82
CA SER A 25 3.48 -14.53 3.00
C SER A 25 3.40 -13.02 3.12
N GLN A 26 2.21 -12.52 2.82
CA GLN A 26 1.91 -11.10 2.89
C GLN A 26 2.18 -10.52 4.28
N ARG A 27 2.77 -9.32 4.29
CA ARG A 27 3.17 -8.73 5.56
CA ARG A 27 3.37 -8.68 5.45
C ARG A 27 2.95 -7.22 5.61
N SER A 28 2.34 -6.63 4.59
CA SER A 28 2.10 -5.19 4.57
C SER A 28 1.08 -4.79 5.66
N LYS A 29 0.99 -3.49 5.93
CA LYS A 29 0.04 -3.05 6.94
C LYS A 29 -1.39 -2.99 6.40
N PHE A 30 -1.57 -3.05 5.10
CA PHE A 30 -2.91 -3.16 4.56
C PHE A 30 -2.82 -3.92 3.24
N LEU A 31 -3.99 -4.30 2.72
CA LEU A 31 -4.05 -4.98 1.43
C LEU A 31 -3.59 -4.06 0.31
N LEU A 32 -2.95 -4.68 -0.70
CA LEU A 32 -2.46 -3.98 -1.88
C LEU A 32 -3.30 -4.39 -3.07
N MET A 33 -2.83 -5.31 -3.93
CA MET A 33 -3.59 -5.63 -5.13
C MET A 33 -4.96 -6.25 -4.81
N ASP A 34 -5.17 -6.68 -3.58
CA ASP A 34 -6.33 -7.44 -3.22
C ASP A 34 -7.43 -6.61 -2.58
N ALA A 35 -7.16 -5.33 -2.35
CA ALA A 35 -8.12 -4.48 -1.68
C ALA A 35 -9.41 -4.42 -2.51
N LEU A 36 -10.47 -3.94 -1.84
CA LEU A 36 -11.78 -3.71 -2.44
C LEU A 36 -12.36 -2.45 -1.83
N LYS A 37 -12.95 -1.61 -2.67
CA LYS A 37 -13.44 -0.30 -2.28
C LYS A 37 -14.96 -0.28 -2.34
N LEU A 38 -15.60 0.18 -1.27
CA LEU A 38 -16.97 0.68 -1.34
C LEU A 38 -16.91 2.21 -1.51
N SER A 39 -17.60 2.75 -2.51
CA SER A 39 -17.39 4.14 -2.91
C SER A 39 -18.68 4.95 -2.99
N ILE A 40 -18.54 6.25 -2.76
CA ILE A 40 -19.60 7.23 -3.04
C ILE A 40 -19.02 8.34 -3.91
N GLU A 41 -19.81 8.82 -4.87
CA GLU A 41 -19.37 9.89 -5.75
C GLU A 41 -19.81 11.24 -5.19
N ASP A 42 -19.13 12.31 -5.66
CA ASP A 42 -19.24 13.71 -5.25
C ASP A 42 -19.99 13.88 -3.94
N PRO A 43 -19.49 13.32 -2.83
CA PRO A 43 -20.28 13.28 -1.60
C PRO A 43 -20.68 14.67 -1.13
N SER A 44 -21.85 14.74 -0.49
CA SER A 44 -22.39 16.00 0.01
C SER A 44 -23.46 15.77 1.08
N HIS A 45 -23.31 14.70 1.87
CA HIS A 45 -24.26 14.44 2.95
C HIS A 45 -23.91 15.25 4.19
N GLU A 46 -24.88 15.35 5.10
CA GLU A 46 -24.66 16.04 6.37
C GLU A 46 -23.47 15.41 7.10
N GLY A 47 -22.26 15.81 6.75
CA GLY A 47 -21.06 15.22 7.32
C GLY A 47 -20.08 14.70 6.29
N GLU A 48 -19.93 15.43 5.18
CA GLU A 48 -18.96 15.06 4.15
C GLU A 48 -17.58 15.53 4.59
N GLY A 49 -16.73 14.60 4.99
CA GLY A 49 -15.42 14.92 5.54
C GLY A 49 -15.18 14.42 6.94
N ILE A 50 -16.11 13.72 7.56
CA ILE A 50 -15.91 13.07 8.84
C ILE A 50 -15.86 11.56 8.60
N PRO A 51 -14.74 10.89 8.86
CA PRO A 51 -14.55 9.52 8.35
C PRO A 51 -15.67 8.58 8.72
N LEU A 52 -16.22 8.70 9.92
CA LEU A 52 -17.26 7.77 10.34
C LEU A 52 -18.52 7.94 9.50
N TYR A 53 -18.89 9.20 9.20
CA TYR A 53 -20.05 9.43 8.35
C TYR A 53 -19.79 8.90 6.95
N ASP A 54 -18.59 9.13 6.41
CA ASP A 54 -18.25 8.64 5.09
C ASP A 54 -18.33 7.10 5.03
N ALA A 55 -17.75 6.42 6.03
CA ALA A 55 -17.75 4.97 6.01
C ALA A 55 -19.17 4.41 6.04
N ILE A 56 -20.01 4.96 6.92
CA ILE A 56 -21.38 4.46 7.00
C ILE A 56 -22.07 4.63 5.67
N LYS A 57 -21.91 5.80 5.05
CA LYS A 57 -22.56 6.02 3.76
C LYS A 57 -22.00 5.09 2.70
N CYS A 58 -20.71 4.74 2.78
CA CYS A 58 -20.18 3.71 1.89
C CYS A 58 -20.74 2.34 2.24
N MET A 59 -20.89 2.04 3.52
CA MET A 59 -21.48 0.76 3.92
C MET A 59 -22.89 0.62 3.36
N ARG A 60 -23.74 1.64 3.58
CA ARG A 60 -25.12 1.52 3.15
C ARG A 60 -25.26 1.51 1.62
N THR A 61 -24.20 1.83 0.87
CA THR A 61 -24.25 1.62 -0.57
C THR A 61 -24.36 0.16 -0.94
N PHE A 62 -24.03 -0.74 -0.01
CA PHE A 62 -23.92 -2.16 -0.30
C PHE A 62 -25.04 -2.90 0.43
N PHE A 63 -25.73 -3.79 -0.30
CA PHE A 63 -26.86 -4.53 0.24
C PHE A 63 -26.65 -6.03 0.25
N GLY A 64 -25.59 -6.52 -0.40
CA GLY A 64 -25.35 -7.93 -0.49
C GLY A 64 -24.68 -8.54 0.72
N TRP A 65 -24.68 -7.83 1.85
CA TRP A 65 -24.18 -8.43 3.08
C TRP A 65 -24.97 -9.70 3.37
N LYS A 66 -24.32 -10.61 4.09
CA LYS A 66 -24.97 -11.84 4.53
C LYS A 66 -24.27 -12.29 5.81
N GLU A 67 -24.83 -13.33 6.44
CA GLU A 67 -24.28 -13.84 7.68
C GLU A 67 -22.82 -14.27 7.46
N PRO A 68 -21.88 -13.71 8.18
CA PRO A 68 -20.46 -14.02 7.94
C PRO A 68 -20.07 -15.36 8.54
N ASN A 69 -19.12 -16.02 7.88
CA ASN A 69 -18.49 -17.21 8.44
C ASN A 69 -17.02 -17.25 8.02
N VAL A 70 -16.23 -18.00 8.81
CA VAL A 70 -14.83 -18.20 8.50
C VAL A 70 -14.71 -19.07 7.27
N VAL A 71 -13.91 -18.64 6.31
CA VAL A 71 -13.73 -19.40 5.07
C VAL A 71 -12.29 -19.82 4.85
N LYS A 72 -11.31 -19.16 5.47
CA LYS A 72 -9.92 -19.57 5.52
C LYS A 72 -9.40 -19.20 6.91
N PRO A 73 -9.18 -20.18 7.79
CA PRO A 73 -8.83 -19.88 9.18
C PRO A 73 -7.39 -19.45 9.36
N HIS A 74 -7.21 -18.49 10.26
CA HIS A 74 -5.88 -18.20 10.81
C HIS A 74 -5.45 -19.37 11.70
N GLU A 75 -4.36 -20.04 11.33
CA GLU A 75 -3.97 -21.28 12.00
C GLU A 75 -3.33 -21.07 13.37
N LYS A 76 -2.92 -19.86 13.74
CA LYS A 76 -2.31 -19.61 15.04
C LYS A 76 -3.13 -18.69 15.93
N GLY A 77 -4.27 -18.17 15.47
CA GLY A 77 -5.12 -17.34 16.28
C GLY A 77 -6.46 -18.03 16.60
N ILE A 78 -7.28 -17.30 17.35
CA ILE A 78 -8.56 -17.82 17.83
C ILE A 78 -9.66 -17.31 16.90
N ASN A 79 -10.04 -18.14 15.93
CA ASN A 79 -10.93 -17.68 14.87
C ASN A 79 -12.33 -17.28 15.34
N PRO A 80 -12.96 -17.93 16.33
CA PRO A 80 -14.21 -17.36 16.86
C PRO A 80 -14.11 -15.91 17.26
N ASN A 81 -12.95 -15.44 17.73
CA ASN A 81 -12.82 -14.03 18.11
C ASN A 81 -12.79 -13.11 16.91
N TYR A 82 -12.18 -13.53 15.80
CA TYR A 82 -12.24 -12.69 14.61
C TYR A 82 -13.67 -12.58 14.09
N LEU A 83 -14.42 -13.69 14.10
CA LEU A 83 -15.80 -13.60 13.63
C LEU A 83 -16.59 -12.63 14.49
N LEU A 84 -16.44 -12.75 15.83
CA LEU A 84 -17.19 -11.91 16.75
C LEU A 84 -16.84 -10.43 16.63
N SER A 85 -15.58 -10.12 16.30
CA SER A 85 -15.16 -8.73 16.18
C SER A 85 -15.80 -8.05 14.97
N TRP A 86 -15.88 -8.77 13.85
CA TRP A 86 -16.53 -8.21 12.68
C TRP A 86 -18.01 -8.04 12.92
N LYS A 87 -18.64 -9.02 13.58
CA LYS A 87 -20.04 -8.87 13.91
C LYS A 87 -20.26 -7.68 14.84
N GLN A 88 -19.28 -7.41 15.71
CA GLN A 88 -19.40 -6.26 16.62
C GLN A 88 -19.34 -4.95 15.85
N VAL A 89 -18.46 -4.87 14.84
CA VAL A 89 -18.36 -3.68 14.01
C VAL A 89 -19.72 -3.36 13.38
N LEU A 90 -20.31 -4.33 12.69
CA LEU A 90 -21.64 -4.12 12.11
C LEU A 90 -22.68 -3.78 13.19
N ALA A 91 -22.55 -4.37 14.38
CA ALA A 91 -23.49 -4.06 15.44
C ALA A 91 -23.35 -2.62 15.88
N GLU A 92 -22.12 -2.17 16.12
CA GLU A 92 -21.91 -0.81 16.59
C GLU A 92 -22.12 0.22 15.47
N LEU A 93 -21.75 -0.13 14.23
CA LEU A 93 -22.16 0.71 13.12
C LEU A 93 -23.69 0.85 13.06
N GLN A 94 -24.40 -0.27 13.23
CA GLN A 94 -25.86 -0.21 13.31
C GLN A 94 -26.33 0.56 14.54
N ASP A 95 -25.52 0.58 15.60
CA ASP A 95 -25.85 1.45 16.73
C ASP A 95 -25.86 2.91 16.31
N ILE A 96 -24.82 3.35 15.60
CA ILE A 96 -24.77 4.73 15.13
C ILE A 96 -25.98 5.06 14.27
N GLU A 97 -26.41 4.11 13.43
CA GLU A 97 -27.60 4.31 12.60
C GLU A 97 -28.81 4.73 13.43
N ASN A 98 -28.95 4.18 14.63
CA ASN A 98 -30.10 4.44 15.48
C ASN A 98 -30.01 5.76 16.24
N GLU A 99 -28.79 6.26 16.48
CA GLU A 99 -28.61 7.54 17.16
C GLU A 99 -29.14 8.69 16.31
N GLU A 100 -29.67 9.71 16.99
CA GLU A 100 -30.22 10.87 16.30
C GLU A 100 -29.18 11.54 15.41
N LYS A 101 -28.06 11.95 16.00
CA LYS A 101 -26.91 12.45 15.26
C LYS A 101 -25.92 11.33 15.04
N ILE A 102 -24.91 11.59 14.21
CA ILE A 102 -23.80 10.67 13.99
C ILE A 102 -22.60 11.18 14.77
N PRO A 103 -22.04 10.40 15.69
CA PRO A 103 -20.84 10.84 16.41
C PRO A 103 -19.68 11.09 15.47
N ARG A 104 -18.69 11.85 15.95
CA ARG A 104 -17.50 12.08 15.14
C ARG A 104 -16.59 10.86 15.14
N THR A 105 -16.47 10.19 16.29
CA THR A 105 -15.71 8.94 16.40
C THR A 105 -16.52 7.91 17.17
N LYS A 106 -16.04 6.68 17.13
CA LYS A 106 -16.70 5.52 17.73
C LYS A 106 -15.68 4.76 18.56
N ASN A 107 -15.97 4.60 19.86
CA ASN A 107 -15.17 3.74 20.73
C ASN A 107 -15.89 2.42 20.90
N MET A 108 -15.25 1.32 20.49
CA MET A 108 -15.88 0.02 20.58
C MET A 108 -15.93 -0.44 22.01
N LYS A 109 -16.99 -1.16 22.37
CA LYS A 109 -17.06 -1.86 23.64
C LYS A 109 -15.84 -2.78 23.77
N LYS A 110 -15.24 -2.77 24.96
CA LYS A 110 -14.06 -3.61 25.22
C LYS A 110 -14.52 -5.05 25.49
N THR A 111 -14.92 -5.72 24.42
CA THR A 111 -15.43 -7.08 24.48
C THR A 111 -14.29 -8.09 24.62
N SER A 112 -14.67 -9.31 24.99
CA SER A 112 -13.75 -10.43 25.06
C SER A 112 -12.94 -10.59 23.79
N GLN A 113 -13.62 -10.65 22.64
CA GLN A 113 -12.90 -10.85 21.38
C GLN A 113 -11.91 -9.73 21.12
N LEU A 114 -12.28 -8.47 21.44
CA LEU A 114 -11.38 -7.37 21.14
C LEU A 114 -10.22 -7.30 22.14
N LYS A 115 -10.43 -7.70 23.39
CA LYS A 115 -9.28 -7.74 24.30
C LYS A 115 -8.27 -8.78 23.86
N TRP A 116 -8.75 -9.94 23.38
CA TRP A 116 -7.83 -10.97 22.89
C TRP A 116 -7.11 -10.50 21.63
N ALA A 117 -7.85 -9.98 20.64
CA ALA A 117 -7.26 -9.65 19.34
C ALA A 117 -6.36 -8.43 19.40
N LEU A 118 -6.55 -7.53 20.37
CA LEU A 118 -5.67 -6.38 20.52
C LEU A 118 -4.57 -6.60 21.54
N GLY A 119 -4.35 -7.84 21.99
CA GLY A 119 -3.24 -8.14 22.87
C GLY A 119 -3.37 -7.68 24.30
N GLU A 120 -4.55 -7.22 24.71
CA GLU A 120 -4.73 -6.68 26.07
C GLU A 120 -5.05 -7.79 27.09
N GLU A 147 13.00 -17.72 10.63
CA GLU A 147 12.54 -18.93 9.95
C GLU A 147 12.42 -18.73 8.44
N LEU A 148 13.08 -19.60 7.68
CA LEU A 148 13.30 -19.36 6.25
C LEU A 148 12.02 -19.50 5.43
N ARG A 149 11.82 -18.57 4.49
CA ARG A 149 10.75 -18.64 3.51
C ARG A 149 11.31 -18.50 2.11
N SER A 150 10.56 -19.01 1.14
CA SER A 150 10.95 -18.98 -0.25
C SER A 150 10.11 -17.96 -1.01
N LEU A 151 10.67 -17.48 -2.12
CA LEU A 151 10.03 -16.45 -2.95
C LEU A 151 8.81 -17.04 -3.62
N ALA A 152 7.64 -16.60 -3.19
CA ALA A 152 6.40 -16.91 -3.88
C ALA A 152 6.18 -15.88 -4.99
N SER A 153 5.37 -16.25 -5.99
CA SER A 153 5.16 -15.37 -7.13
C SER A 153 4.19 -14.23 -6.86
N TRP A 154 3.48 -14.22 -5.73
CA TRP A 154 2.50 -13.15 -5.51
C TRP A 154 3.14 -11.78 -5.38
N ILE A 155 4.41 -11.71 -4.92
CA ILE A 155 4.98 -10.38 -4.65
C ILE A 155 5.42 -9.72 -5.95
N GLN A 156 5.94 -10.47 -6.92
CA GLN A 156 6.11 -9.89 -8.25
C GLN A 156 4.78 -9.43 -8.81
N ASN A 157 3.70 -10.17 -8.53
CA ASN A 157 2.41 -9.78 -9.09
C ASN A 157 1.90 -8.50 -8.45
N GLU A 158 2.08 -8.37 -7.12
CA GLU A 158 1.84 -7.11 -6.45
C GLU A 158 2.61 -5.98 -7.12
N PHE A 159 3.91 -6.17 -7.33
CA PHE A 159 4.70 -5.12 -7.95
C PHE A 159 4.19 -4.75 -9.34
N ASN A 160 3.83 -5.75 -10.15
CA ASN A 160 3.25 -5.45 -11.45
C ASN A 160 1.96 -4.64 -11.30
N LYS A 161 1.07 -5.06 -10.39
CA LYS A 161 -0.17 -4.31 -10.16
C LYS A 161 0.10 -2.88 -9.71
N ALA A 162 1.13 -2.68 -8.88
CA ALA A 162 1.48 -1.32 -8.46
C ALA A 162 1.92 -0.43 -9.61
N CYS A 163 2.37 -1.00 -10.74
CA CYS A 163 2.81 -0.15 -11.84
C CYS A 163 1.69 0.26 -12.79
N GLU A 164 0.56 -0.45 -12.78
CA GLU A 164 -0.51 -0.15 -13.73
C GLU A 164 -1.15 1.20 -13.42
N LEU A 165 -1.93 1.67 -14.38
CA LEU A 165 -2.75 2.87 -14.22
C LEU A 165 -4.14 2.47 -13.77
N THR A 166 -4.82 3.38 -13.08
CA THR A 166 -6.21 3.16 -12.74
C THR A 166 -7.09 4.13 -13.53
N ASP A 167 -8.40 3.98 -13.34
CA ASP A 167 -9.39 4.88 -13.93
C ASP A 167 -9.41 6.26 -13.27
N SER A 168 -8.72 6.43 -12.13
CA SER A 168 -8.93 7.57 -11.26
C SER A 168 -7.61 8.24 -10.89
N SER A 169 -7.68 9.57 -10.72
CA SER A 169 -6.55 10.35 -10.24
C SER A 169 -6.56 10.39 -8.72
N TRP A 170 -5.36 10.27 -8.13
CA TRP A 170 -5.20 10.19 -6.69
C TRP A 170 -4.54 11.41 -6.08
N ILE A 171 -3.98 12.31 -6.88
CA ILE A 171 -3.29 13.49 -6.38
C ILE A 171 -3.70 14.70 -7.20
N GLU A 172 -3.49 15.87 -6.62
CA GLU A 172 -3.73 17.13 -7.29
C GLU A 172 -2.51 17.55 -8.10
N LEU A 173 -2.70 18.50 -9.01
CA LEU A 173 -1.67 18.82 -9.98
C LEU A 173 -0.41 19.39 -9.32
N ASP A 174 -0.55 20.08 -8.19
CA ASP A 174 0.60 20.67 -7.50
C ASP A 174 0.93 19.90 -6.22
N GLU A 175 0.68 18.59 -6.24
CA GLU A 175 0.87 17.76 -5.04
C GLU A 175 2.35 17.61 -4.70
N ILE A 176 3.20 17.45 -5.72
CA ILE A 176 4.60 17.06 -5.52
C ILE A 176 5.43 18.30 -5.20
N GLY A 177 6.15 18.25 -4.10
CA GLY A 177 7.04 19.35 -3.79
C GLY A 177 6.60 20.12 -2.55
N GLU A 178 7.58 20.72 -1.87
CA GLU A 178 7.37 21.47 -0.65
C GLU A 178 7.86 22.90 -0.77
N ASP A 179 8.00 23.40 -1.99
CA ASP A 179 8.75 24.62 -2.24
C ASP A 179 8.14 25.83 -1.52
N ALA A 180 9.01 26.62 -0.87
CA ALA A 180 8.57 27.89 -0.31
C ALA A 180 8.35 28.92 -1.41
N ALA A 181 9.14 28.85 -2.46
CA ALA A 181 9.09 29.79 -3.57
C ALA A 181 8.48 29.13 -4.80
N PRO A 182 7.93 29.93 -5.71
CA PRO A 182 7.49 29.38 -6.99
C PRO A 182 8.64 28.72 -7.73
N ILE A 183 8.34 27.60 -8.38
CA ILE A 183 9.35 26.79 -9.05
C ILE A 183 9.78 27.45 -10.36
N GLU A 184 11.08 27.41 -10.64
CA GLU A 184 11.59 27.89 -11.92
C GLU A 184 10.94 27.11 -13.06
N HIS A 185 11.10 27.63 -14.29
CA HIS A 185 10.31 27.13 -15.41
C HIS A 185 10.65 25.67 -15.76
N ILE A 186 11.93 25.31 -15.76
CA ILE A 186 12.29 23.96 -16.15
C ILE A 186 11.79 22.95 -15.11
N ALA A 187 12.00 23.25 -13.83
CA ALA A 187 11.47 22.37 -12.79
C ALA A 187 9.98 22.14 -12.97
N SER A 188 9.23 23.22 -13.23
CA SER A 188 7.79 23.11 -13.36
C SER A 188 7.40 22.19 -14.52
N MET A 189 8.07 22.33 -15.66
CA MET A 189 7.77 21.49 -16.82
C MET A 189 7.95 20.01 -16.46
N ARG A 190 9.09 19.66 -15.85
CA ARG A 190 9.33 18.28 -15.43
C ARG A 190 8.30 17.81 -14.42
N ARG A 191 7.94 18.68 -13.46
CA ARG A 191 6.99 18.26 -12.43
CA ARG A 191 6.99 18.27 -12.43
C ARG A 191 5.62 17.97 -13.02
N ASN A 192 5.24 18.69 -14.08
CA ASN A 192 3.92 18.49 -14.65
C ASN A 192 3.86 17.29 -15.61
N TYR A 193 4.89 17.11 -16.45
CA TYR A 193 5.00 15.87 -17.23
C TYR A 193 4.94 14.64 -16.33
N PHE A 194 5.71 14.68 -15.23
CA PHE A 194 5.83 13.52 -14.35
C PHE A 194 4.51 13.25 -13.63
N THR A 195 3.83 14.31 -13.19
CA THR A 195 2.54 14.12 -12.53
C THR A 195 1.51 13.56 -13.49
N ALA A 196 1.56 13.96 -14.75
CA ALA A 196 0.64 13.41 -15.74
C ALA A 196 0.74 11.89 -15.78
N GLU A 197 1.95 11.35 -15.57
CA GLU A 197 2.19 9.94 -15.79
C GLU A 197 1.95 9.09 -14.56
N VAL A 198 1.88 9.68 -13.36
CA VAL A 198 1.76 8.91 -12.13
C VAL A 198 0.53 9.29 -11.30
N SER A 199 -0.18 10.35 -11.65
CA SER A 199 -1.33 10.74 -10.83
C SER A 199 -2.37 9.62 -10.75
N HIS A 200 -2.55 8.86 -11.84
CA HIS A 200 -3.50 7.76 -11.89
C HIS A 200 -2.89 6.44 -11.50
N CYS A 201 -1.57 6.39 -11.35
CA CYS A 201 -0.85 5.14 -11.05
C CYS A 201 -1.35 4.49 -9.77
N ARG A 202 -1.52 3.17 -9.82
CA ARG A 202 -1.95 2.41 -8.65
C ARG A 202 -1.02 2.64 -7.44
N ALA A 203 0.28 2.78 -7.68
CA ALA A 203 1.16 3.02 -6.55
C ALA A 203 0.80 4.31 -5.83
N THR A 204 0.29 5.31 -6.58
CA THR A 204 -0.11 6.56 -5.96
C THR A 204 -1.31 6.35 -5.04
N GLU A 205 -2.22 5.46 -5.42
CA GLU A 205 -3.33 5.15 -4.54
C GLU A 205 -2.86 4.48 -3.25
N TYR A 206 -1.82 3.65 -3.34
CA TYR A 206 -1.27 3.07 -2.13
C TYR A 206 -0.71 4.16 -1.24
N ILE A 207 -0.11 5.18 -1.87
CA ILE A 207 0.44 6.30 -1.14
C ILE A 207 -0.64 6.99 -0.32
N MET A 208 -1.75 7.34 -0.96
CA MET A 208 -2.75 8.14 -0.27
C MET A 208 -3.52 7.29 0.73
N LYS A 209 -3.86 6.06 0.36
CA LYS A 209 -4.36 5.09 1.34
C LYS A 209 -3.50 5.07 2.59
N GLY A 210 -2.18 4.84 2.42
CA GLY A 210 -1.29 4.76 3.55
C GLY A 210 -1.22 6.05 4.36
N VAL A 211 -1.12 7.19 3.68
CA VAL A 211 -1.05 8.45 4.42
C VAL A 211 -2.33 8.65 5.23
N TYR A 212 -3.49 8.36 4.65
CA TYR A 212 -4.75 8.52 5.37
C TYR A 212 -4.77 7.67 6.62
N ILE A 213 -4.55 6.36 6.46
CA ILE A 213 -4.76 5.48 7.59
C ILE A 213 -3.71 5.73 8.65
N ASN A 214 -2.49 6.14 8.25
CA ASN A 214 -1.45 6.38 9.24
C ASN A 214 -1.71 7.66 10.00
N THR A 215 -2.21 8.69 9.32
CA THR A 215 -2.63 9.89 10.00
C THR A 215 -3.78 9.60 10.93
N ALA A 216 -4.74 8.80 10.49
CA ALA A 216 -5.88 8.52 11.34
C ALA A 216 -5.44 7.77 12.59
N LEU A 217 -4.55 6.80 12.43
CA LEU A 217 -4.14 6.02 13.60
C LEU A 217 -3.25 6.84 14.52
N LEU A 218 -2.24 7.51 13.97
CA LEU A 218 -1.36 8.33 14.78
C LEU A 218 -2.16 9.35 15.58
N ASN A 219 -3.14 9.98 14.94
CA ASN A 219 -3.95 10.94 15.66
C ASN A 219 -4.79 10.25 16.71
N ALA A 220 -5.44 9.15 16.34
CA ALA A 220 -6.23 8.39 17.30
C ALA A 220 -5.37 7.90 18.45
N SER A 221 -4.12 7.54 18.16
CA SER A 221 -3.20 7.02 19.17
C SER A 221 -2.93 8.02 20.27
N CYS A 222 -3.15 9.29 20.00
CA CYS A 222 -2.91 10.37 20.94
C CYS A 222 -4.19 10.90 21.56
N ALA A 223 -5.27 10.97 20.78
CA ALA A 223 -6.52 11.57 21.25
C ALA A 223 -7.45 10.60 21.96
N ALA A 224 -7.21 9.30 21.84
CA ALA A 224 -8.07 8.28 22.43
C ALA A 224 -7.22 7.12 22.92
N MET A 225 -6.23 7.46 23.75
CA MET A 225 -5.23 6.48 24.19
C MET A 225 -5.85 5.22 24.77
N ASP A 226 -6.90 5.35 25.58
CA ASP A 226 -7.45 4.20 26.29
C ASP A 226 -8.62 3.53 25.56
N ASP A 227 -9.00 4.02 24.39
CA ASP A 227 -10.17 3.52 23.69
C ASP A 227 -9.78 2.54 22.59
N PHE A 228 -10.66 1.56 22.36
CA PHE A 228 -10.61 0.73 21.17
C PHE A 228 -11.43 1.44 20.10
N GLN A 229 -10.80 2.44 19.48
CA GLN A 229 -11.52 3.27 18.52
C GLN A 229 -11.65 2.58 17.17
N LEU A 230 -12.81 2.75 16.55
CA LEU A 230 -13.08 2.22 15.22
C LEU A 230 -12.62 3.23 14.17
N ILE A 231 -11.64 2.88 13.35
CA ILE A 231 -11.06 3.88 12.47
C ILE A 231 -11.22 3.47 11.01
N PRO A 232 -12.11 4.12 10.25
CA PRO A 232 -12.30 3.75 8.85
C PRO A 232 -11.01 3.87 8.04
N MET A 233 -10.84 2.94 7.11
CA MET A 233 -9.77 3.00 6.11
C MET A 233 -10.34 3.67 4.86
N ILE A 234 -9.96 4.92 4.64
CA ILE A 234 -10.58 5.79 3.65
C ILE A 234 -9.52 6.21 2.63
N SER A 235 -9.99 6.58 1.45
CA SER A 235 -9.18 7.30 0.47
C SER A 235 -10.13 8.10 -0.40
N LYS A 236 -9.55 9.00 -1.18
CA LYS A 236 -10.32 9.93 -1.99
C LYS A 236 -9.65 10.05 -3.34
N CYS A 237 -10.43 9.94 -4.40
CA CYS A 237 -9.94 10.09 -5.77
C CYS A 237 -10.92 10.94 -6.57
N ARG A 238 -10.49 11.29 -7.79
CA ARG A 238 -11.32 11.95 -8.78
C ARG A 238 -11.36 11.07 -10.02
N THR A 239 -12.55 10.88 -10.60
CA THR A 239 -12.73 10.00 -11.75
C THR A 239 -12.25 10.69 -13.03
N LYS A 240 -12.14 9.92 -14.11
CA LYS A 240 -11.80 10.51 -15.41
C LYS A 240 -12.83 11.54 -15.84
N GLU A 241 -14.04 11.48 -15.28
CA GLU A 241 -15.10 12.43 -15.60
C GLU A 241 -15.06 13.69 -14.75
N GLY A 242 -14.24 13.72 -13.69
CA GLY A 242 -14.12 14.88 -12.84
C GLY A 242 -14.79 14.76 -11.50
N ARG A 243 -15.45 13.63 -11.22
CA ARG A 243 -16.24 13.49 -10.01
C ARG A 243 -15.36 13.11 -8.83
N ARG A 244 -15.54 13.83 -7.72
CA ARG A 244 -14.89 13.48 -6.46
C ARG A 244 -15.53 12.22 -5.89
N LYS A 245 -14.71 11.25 -5.48
CA LYS A 245 -15.22 10.00 -4.93
C LYS A 245 -14.60 9.74 -3.57
N THR A 246 -15.30 8.95 -2.75
CA THR A 246 -14.81 8.57 -1.43
C THR A 246 -14.89 7.06 -1.30
N ASN A 247 -13.81 6.45 -0.80
CA ASN A 247 -13.66 4.99 -0.81
C ASN A 247 -13.44 4.48 0.61
N LEU A 248 -14.08 3.35 0.90
CA LEU A 248 -13.91 2.61 2.15
C LEU A 248 -13.30 1.26 1.79
N TYR A 249 -12.09 1.01 2.28
CA TYR A 249 -11.43 -0.29 2.13
C TYR A 249 -11.80 -1.27 3.23
N GLY A 250 -12.29 -0.77 4.37
CA GLY A 250 -12.50 -1.55 5.57
C GLY A 250 -12.20 -0.71 6.80
N PHE A 251 -11.86 -1.40 7.89
CA PHE A 251 -11.71 -0.75 9.18
C PHE A 251 -10.51 -1.27 9.96
N ILE A 252 -9.97 -0.38 10.79
CA ILE A 252 -9.02 -0.69 11.84
C ILE A 252 -9.73 -0.54 13.17
N ILE A 253 -9.38 -1.36 14.14
CA ILE A 253 -9.65 -1.09 15.55
C ILE A 253 -8.32 -1.04 16.27
N LYS A 254 -7.97 0.13 16.80
CA LYS A 254 -6.74 0.27 17.56
C LYS A 254 -6.97 -0.15 19.01
N GLY A 255 -5.90 -0.61 19.65
CA GLY A 255 -5.94 -0.93 21.06
C GLY A 255 -5.43 0.20 21.93
N ARG A 256 -5.09 -0.13 23.16
CA ARG A 256 -4.46 0.81 24.09
C ARG A 256 -3.20 1.39 23.47
N SER A 257 -3.08 2.73 23.49
CA SER A 257 -1.95 3.38 22.84
C SER A 257 -1.45 4.54 23.70
N HIS A 258 -0.76 4.19 24.79
CA HIS A 258 0.06 5.17 25.53
C HIS A 258 1.47 5.13 24.98
N LEU A 259 1.65 5.75 23.81
CA LEU A 259 2.91 5.69 23.07
C LEU A 259 3.84 6.76 23.62
N ARG A 260 4.71 6.36 24.54
CA ARG A 260 5.61 7.32 25.16
C ARG A 260 6.82 7.60 24.29
N ASN A 261 7.27 6.61 23.51
CA ASN A 261 8.40 6.80 22.62
C ASN A 261 8.02 6.46 21.19
N ASP A 262 8.95 6.73 20.27
CA ASP A 262 8.73 6.47 18.85
C ASP A 262 8.57 4.98 18.57
N THR A 263 9.19 4.12 19.38
CA THR A 263 9.21 2.68 19.14
C THR A 263 8.14 1.93 19.93
N ASP A 264 7.41 2.59 20.82
CA ASP A 264 6.25 1.96 21.46
C ASP A 264 5.25 1.51 20.40
N VAL A 265 4.57 0.40 20.66
CA VAL A 265 3.69 -0.25 19.71
C VAL A 265 2.25 -0.06 20.15
N VAL A 266 1.40 0.32 19.21
CA VAL A 266 -0.04 0.22 19.35
C VAL A 266 -0.51 -0.95 18.49
N ASN A 267 -1.18 -1.92 19.10
CA ASN A 267 -1.70 -3.02 18.32
C ASN A 267 -2.98 -2.58 17.63
N PHE A 268 -3.33 -3.30 16.57
CA PHE A 268 -4.63 -3.04 15.97
C PHE A 268 -5.13 -4.27 15.23
N VAL A 269 -6.43 -4.27 14.98
CA VAL A 269 -7.08 -5.29 14.15
C VAL A 269 -7.51 -4.63 12.84
N SER A 270 -7.09 -5.22 11.74
CA SER A 270 -7.49 -4.75 10.42
C SER A 270 -8.56 -5.68 9.86
N MET A 271 -9.54 -5.09 9.18
CA MET A 271 -10.66 -5.81 8.56
C MET A 271 -10.87 -5.18 7.21
N GLU A 272 -10.54 -5.91 6.14
CA GLU A 272 -10.43 -5.33 4.81
C GLU A 272 -11.26 -6.11 3.80
N PHE A 273 -12.10 -5.41 3.03
CA PHE A 273 -12.90 -6.08 1.99
C PHE A 273 -12.01 -6.58 0.87
N SER A 274 -12.49 -7.61 0.18
CA SER A 274 -11.73 -8.11 -0.96
C SER A 274 -12.61 -9.07 -1.75
N LEU A 275 -12.41 -9.08 -3.05
CA LEU A 275 -12.96 -10.11 -3.89
C LEU A 275 -12.02 -11.29 -4.06
N THR A 276 -10.87 -11.27 -3.39
CA THR A 276 -9.87 -12.33 -3.59
C THR A 276 -10.20 -13.52 -2.72
N ASP A 277 -10.44 -14.66 -3.34
CA ASP A 277 -10.66 -15.90 -2.61
C ASP A 277 -9.36 -16.37 -1.98
N PRO A 278 -9.26 -16.43 -0.65
CA PRO A 278 -7.99 -16.83 -0.03
C PRO A 278 -7.58 -18.26 -0.32
N ARG A 279 -8.49 -19.10 -0.82
CA ARG A 279 -8.13 -20.49 -1.03
C ARG A 279 -7.26 -20.71 -2.26
N LEU A 280 -7.14 -19.70 -3.12
CA LEU A 280 -6.29 -19.82 -4.31
C LEU A 280 -4.80 -19.84 -3.96
N GLU A 281 -4.37 -18.86 -3.16
CA GLU A 281 -2.99 -18.76 -2.69
C GLU A 281 -3.00 -18.72 -1.16
N PRO A 282 -3.29 -19.84 -0.50
CA PRO A 282 -3.36 -19.82 0.96
C PRO A 282 -2.08 -19.38 1.65
N HIS A 283 -0.90 -19.70 1.10
CA HIS A 283 0.36 -19.29 1.72
C HIS A 283 0.50 -17.78 1.79
N LYS A 284 -0.15 -17.05 0.87
CA LYS A 284 -0.13 -15.60 0.97
C LYS A 284 -0.72 -15.12 2.28
N TRP A 285 -1.64 -15.90 2.87
CA TRP A 285 -2.52 -15.39 3.92
C TRP A 285 -2.29 -16.05 5.27
N GLU A 286 -1.08 -16.55 5.51
CA GLU A 286 -0.78 -17.22 6.76
C GLU A 286 -1.13 -16.37 7.98
N LYS A 287 -1.01 -15.07 7.89
CA LYS A 287 -1.18 -14.22 9.05
C LYS A 287 -2.63 -13.79 9.27
N TYR A 288 -3.57 -14.35 8.51
CA TYR A 288 -4.92 -13.83 8.39
C TYR A 288 -5.97 -14.88 8.71
N CYS A 289 -7.08 -14.46 9.31
CA CYS A 289 -8.33 -15.18 9.22
C CYS A 289 -9.18 -14.46 8.18
N VAL A 290 -9.80 -15.21 7.27
CA VAL A 290 -10.56 -14.60 6.18
C VAL A 290 -12.00 -15.07 6.26
N LEU A 291 -12.92 -14.12 6.29
CA LEU A 291 -14.34 -14.41 6.34
C LEU A 291 -14.96 -14.15 4.98
N GLU A 292 -16.06 -14.85 4.71
CA GLU A 292 -16.96 -14.46 3.64
C GLU A 292 -18.14 -13.71 4.28
N VAL A 293 -18.38 -12.49 3.80
CA VAL A 293 -19.28 -11.55 4.47
C VAL A 293 -20.37 -11.01 3.56
N GLY A 294 -20.32 -11.26 2.26
CA GLY A 294 -21.41 -10.87 1.40
C GLY A 294 -21.27 -11.47 0.01
N ASP A 295 -22.16 -11.05 -0.88
CA ASP A 295 -22.06 -11.36 -2.30
C ASP A 295 -22.26 -10.06 -3.06
N MET A 296 -21.59 -9.95 -4.21
CA MET A 296 -21.53 -8.67 -4.88
C MET A 296 -21.76 -8.86 -6.38
N LEU A 297 -22.60 -7.99 -6.95
CA LEU A 297 -22.98 -8.06 -8.35
C LEU A 297 -22.05 -7.16 -9.15
N LEU A 298 -21.36 -7.73 -10.14
CA LEU A 298 -20.32 -7.01 -10.87
C LEU A 298 -20.55 -7.06 -12.37
N ARG A 299 -20.21 -5.96 -13.04
CA ARG A 299 -20.08 -5.95 -14.50
C ARG A 299 -18.80 -6.66 -14.90
N SER A 300 -18.89 -7.49 -15.93
CA SER A 300 -17.73 -8.23 -16.41
C SER A 300 -17.80 -8.32 -17.92
N ALA A 301 -16.76 -8.92 -18.50
CA ALA A 301 -16.77 -9.23 -19.92
C ALA A 301 -17.75 -10.34 -20.28
N ILE A 302 -18.41 -10.97 -19.31
CA ILE A 302 -19.46 -11.96 -19.56
C ILE A 302 -20.83 -11.42 -19.16
N GLY A 303 -20.94 -10.13 -18.88
CA GLY A 303 -22.16 -9.57 -18.36
C GLY A 303 -22.15 -9.53 -16.85
N HIS A 304 -23.34 -9.36 -16.29
CA HIS A 304 -23.46 -9.29 -14.83
C HIS A 304 -23.14 -10.64 -14.21
N VAL A 305 -22.27 -10.62 -13.20
CA VAL A 305 -21.85 -11.81 -12.48
C VAL A 305 -21.88 -11.52 -10.99
N SER A 306 -22.16 -12.55 -10.20
CA SER A 306 -22.20 -12.44 -8.76
C SER A 306 -20.96 -13.11 -8.18
N ARG A 307 -20.17 -12.34 -7.47
CA ARG A 307 -18.98 -12.84 -6.83
C ARG A 307 -19.10 -12.69 -5.32
N PRO A 308 -18.55 -13.64 -4.56
CA PRO A 308 -18.51 -13.43 -3.10
C PRO A 308 -17.56 -12.31 -2.75
N MET A 309 -17.91 -11.59 -1.69
CA MET A 309 -17.07 -10.59 -1.07
C MET A 309 -16.48 -11.17 0.20
N PHE A 310 -15.18 -11.00 0.38
CA PHE A 310 -14.48 -11.51 1.53
C PHE A 310 -14.07 -10.37 2.47
N LEU A 311 -13.56 -10.75 3.63
CA LEU A 311 -13.09 -9.79 4.61
C LEU A 311 -11.82 -10.35 5.24
N TYR A 312 -10.68 -9.74 4.92
CA TYR A 312 -9.39 -10.17 5.45
C TYR A 312 -9.16 -9.55 6.82
N VAL A 313 -8.84 -10.39 7.80
CA VAL A 313 -8.72 -9.96 9.19
C VAL A 313 -7.37 -10.41 9.72
N ARG A 314 -6.65 -9.49 10.37
CA ARG A 314 -5.46 -9.88 11.10
C ARG A 314 -5.24 -8.89 12.23
N THR A 315 -4.48 -9.33 13.23
CA THR A 315 -3.92 -8.41 14.19
C THR A 315 -2.55 -7.99 13.71
N ASN A 316 -2.11 -6.86 14.22
CA ASN A 316 -0.94 -6.20 13.66
C ASN A 316 -0.59 -5.09 14.63
N GLY A 317 0.52 -4.41 14.37
CA GLY A 317 0.94 -3.33 15.24
C GLY A 317 1.83 -2.40 14.48
N THR A 318 1.99 -1.21 15.05
CA THR A 318 2.84 -0.19 14.46
C THR A 318 3.29 0.72 15.59
N SER A 319 4.16 1.66 15.27
CA SER A 319 4.76 2.52 16.27
C SER A 319 4.65 3.97 15.83
N LYS A 320 4.96 4.89 16.74
CA LYS A 320 4.92 6.31 16.39
C LYS A 320 5.81 6.59 15.20
N ILE A 321 7.05 6.10 15.25
CA ILE A 321 7.99 6.38 14.17
C ILE A 321 7.51 5.78 12.86
N LYS A 322 6.98 4.57 12.90
CA LYS A 322 6.47 4.00 11.66
C LYS A 322 5.30 4.82 11.12
N MET A 323 4.41 5.27 12.00
CA MET A 323 3.27 6.04 11.52
C MET A 323 3.70 7.41 11.00
N LYS A 324 4.74 7.99 11.58
CA LYS A 324 5.26 9.23 11.02
C LYS A 324 5.78 9.01 9.61
N TRP A 325 6.50 7.91 9.36
CA TRP A 325 6.93 7.60 8.00
C TRP A 325 5.74 7.39 7.09
N GLY A 326 4.71 6.69 7.58
CA GLY A 326 3.55 6.44 6.74
C GLY A 326 2.88 7.72 6.32
N MET A 327 2.93 8.74 7.18
CA MET A 327 2.36 10.04 6.82
C MET A 327 3.21 10.76 5.79
N GLU A 328 4.45 10.30 5.60
CA GLU A 328 5.40 10.92 4.70
C GLU A 328 5.41 10.28 3.31
N MET A 329 4.55 9.30 3.04
CA MET A 329 4.63 8.54 1.79
C MET A 329 4.54 9.41 0.55
N ARG A 330 4.11 10.67 0.63
CA ARG A 330 4.12 11.50 -0.56
C ARG A 330 5.52 11.69 -1.09
N ARG A 331 6.53 11.69 -0.20
CA ARG A 331 7.92 11.84 -0.64
C ARG A 331 8.31 10.77 -1.65
N CYS A 332 7.60 9.64 -1.69
CA CYS A 332 7.83 8.67 -2.76
C CYS A 332 7.63 9.33 -4.12
N LEU A 333 6.60 10.18 -4.25
CA LEU A 333 6.43 10.92 -5.49
C LEU A 333 7.63 11.82 -5.76
N LEU A 334 8.12 12.51 -4.73
CA LEU A 334 9.22 13.45 -4.96
C LEU A 334 10.53 12.73 -5.27
N GLN A 335 10.78 11.61 -4.58
CA GLN A 335 12.00 10.84 -4.81
C GLN A 335 11.98 10.18 -6.19
N SER A 336 10.83 9.63 -6.59
CA SER A 336 10.68 9.14 -7.95
C SER A 336 10.93 10.25 -8.98
N LEU A 337 10.35 11.43 -8.77
CA LEU A 337 10.57 12.56 -9.68
C LEU A 337 12.05 12.86 -9.84
N GLN A 338 12.81 12.84 -8.73
CA GLN A 338 14.21 13.24 -8.78
C GLN A 338 15.05 12.24 -9.56
N GLN A 339 14.77 10.94 -9.37
CA GLN A 339 15.43 9.93 -10.18
C GLN A 339 15.17 10.16 -11.66
N ILE A 340 13.97 10.63 -11.99
CA ILE A 340 13.68 11.01 -13.37
C ILE A 340 14.52 12.23 -13.77
N GLU A 341 14.47 13.28 -12.95
CA GLU A 341 15.24 14.48 -13.25
C GLU A 341 16.73 14.20 -13.35
N SER A 342 17.21 13.18 -12.63
CA SER A 342 18.62 12.84 -12.72
C SER A 342 18.97 12.34 -14.11
N MET A 343 18.15 11.44 -14.66
CA MET A 343 18.39 10.96 -16.01
C MET A 343 18.32 12.08 -17.04
N ILE A 344 17.50 13.10 -16.79
CA ILE A 344 17.39 14.19 -17.73
C ILE A 344 18.57 15.15 -17.60
N GLU A 345 18.88 15.59 -16.38
CA GLU A 345 20.02 16.47 -16.16
C GLU A 345 21.33 15.81 -16.60
N ALA A 346 21.35 14.48 -16.68
CA ALA A 346 22.47 13.78 -17.31
C ALA A 346 22.44 13.97 -18.82
N GLU A 347 21.33 13.59 -19.46
CA GLU A 347 21.21 13.74 -20.90
C GLU A 347 21.39 15.19 -21.33
N SER A 348 20.97 16.14 -20.49
CA SER A 348 21.07 17.55 -20.87
C SER A 348 22.52 18.06 -20.84
N SER A 349 23.33 17.56 -19.91
CA SER A 349 24.74 17.91 -19.93
C SER A 349 25.43 17.42 -21.19
N VAL A 350 25.00 16.27 -21.72
CA VAL A 350 25.65 15.69 -22.88
C VAL A 350 25.22 16.38 -24.18
N LYS A 351 24.03 16.98 -24.22
CA LYS A 351 23.53 17.61 -25.44
C LYS A 351 23.52 19.13 -25.37
N GLU A 352 24.04 19.73 -24.30
CA GLU A 352 24.16 21.18 -24.15
C GLU A 352 22.82 21.91 -24.21
N LYS A 353 21.70 21.17 -24.23
CA LYS A 353 20.38 21.76 -24.26
C LYS A 353 19.47 20.97 -23.33
N ASP A 354 18.41 21.63 -22.87
CA ASP A 354 17.42 20.98 -22.01
C ASP A 354 16.71 19.88 -22.76
N MET A 355 16.80 18.65 -22.28
CA MET A 355 16.17 17.49 -22.90
C MET A 355 14.87 17.08 -22.23
N THR A 356 14.28 17.95 -21.40
CA THR A 356 13.03 17.60 -20.74
C THR A 356 11.94 17.25 -21.75
N LYS A 357 11.71 18.12 -22.74
CA LYS A 357 10.65 17.88 -23.72
C LYS A 357 10.91 16.58 -24.48
N GLU A 358 12.07 16.49 -25.14
CA GLU A 358 12.39 15.31 -25.95
C GLU A 358 12.38 14.02 -25.15
N PHE A 359 12.57 14.08 -23.83
CA PHE A 359 12.55 12.86 -23.03
C PHE A 359 11.13 12.38 -22.79
N PHE A 360 10.26 13.26 -22.27
CA PHE A 360 8.91 12.82 -21.94
C PHE A 360 8.08 12.57 -23.19
N GLU A 361 8.33 13.29 -24.27
CA GLU A 361 7.63 13.07 -25.52
C GLU A 361 8.24 11.94 -26.36
N ASN A 362 9.38 11.41 -25.94
CA ASN A 362 10.04 10.27 -26.59
C ASN A 362 10.36 10.58 -28.06
N LYS A 363 11.17 11.62 -28.23
CA LYS A 363 11.68 12.00 -29.55
C LYS A 363 13.09 11.43 -29.71
N SER A 372 22.47 8.49 -29.10
CA SER A 372 21.07 8.82 -28.82
C SER A 372 20.22 7.57 -28.60
N PRO A 373 19.21 7.64 -27.73
CA PRO A 373 18.37 6.48 -27.46
C PRO A 373 17.34 6.27 -28.57
N LYS A 374 16.80 5.05 -28.63
CA LYS A 374 15.90 4.66 -29.71
C LYS A 374 14.63 3.99 -29.21
N GLY A 375 14.19 4.32 -28.00
CA GLY A 375 13.00 3.72 -27.44
C GLY A 375 13.09 3.70 -25.93
N VAL A 376 12.13 2.99 -25.33
CA VAL A 376 12.00 2.92 -23.87
C VAL A 376 11.79 1.45 -23.47
N GLU A 377 12.78 0.88 -22.76
CA GLU A 377 12.85 -0.57 -22.57
C GLU A 377 11.67 -1.14 -21.81
N GLU A 378 11.11 -0.37 -20.87
CA GLU A 378 9.87 -0.77 -20.21
C GLU A 378 8.66 -0.66 -21.13
N GLY A 379 8.80 -0.04 -22.30
CA GLY A 379 7.71 0.16 -23.22
C GLY A 379 7.48 1.62 -23.55
N SER A 380 7.38 2.46 -22.52
CA SER A 380 7.08 3.87 -22.67
C SER A 380 7.73 4.64 -21.54
N ILE A 381 7.90 5.94 -21.76
CA ILE A 381 8.31 6.85 -20.69
C ILE A 381 7.37 6.73 -19.48
N GLY A 382 6.07 6.60 -19.74
CA GLY A 382 5.11 6.50 -18.64
C GLY A 382 5.38 5.32 -17.73
N LYS A 383 5.65 4.14 -18.31
CA LYS A 383 5.91 2.96 -17.49
CA LYS A 383 5.92 2.95 -17.50
C LYS A 383 7.23 3.08 -16.73
N VAL A 384 8.18 3.85 -17.23
CA VAL A 384 9.41 4.06 -16.48
C VAL A 384 9.13 4.90 -15.23
N CYS A 385 8.28 5.91 -15.35
CA CYS A 385 7.93 6.74 -14.20
C CYS A 385 7.19 5.93 -13.15
N ARG A 386 6.16 5.19 -13.58
CA ARG A 386 5.38 4.39 -12.65
C ARG A 386 6.22 3.26 -12.05
N THR A 387 7.15 2.69 -12.82
CA THR A 387 8.01 1.63 -12.28
C THR A 387 8.91 2.18 -11.18
N LEU A 388 9.62 3.27 -11.46
CA LEU A 388 10.38 3.94 -10.40
C LEU A 388 9.51 4.25 -9.19
N LEU A 389 8.30 4.77 -9.42
CA LEU A 389 7.41 5.09 -8.30
C LEU A 389 7.06 3.85 -7.50
N ALA A 390 6.65 2.77 -8.19
CA ALA A 390 6.22 1.56 -7.52
C ALA A 390 7.34 0.99 -6.67
N LYS A 391 8.58 1.05 -7.16
CA LYS A 391 9.71 0.57 -6.37
C LYS A 391 9.87 1.40 -5.10
N SER A 392 9.75 2.72 -5.22
CA SER A 392 9.89 3.57 -4.06
C SER A 392 8.77 3.33 -3.05
N VAL A 393 7.52 3.21 -3.53
CA VAL A 393 6.40 2.97 -2.64
C VAL A 393 6.57 1.64 -1.90
N PHE A 394 6.93 0.59 -2.65
CA PHE A 394 7.08 -0.74 -2.03
C PHE A 394 8.24 -0.76 -1.04
N ASN A 395 9.27 0.04 -1.29
CA ASN A 395 10.30 0.23 -0.26
C ASN A 395 9.70 0.77 1.02
N SER A 396 8.73 1.65 0.89
CA SER A 396 8.06 2.21 2.06
C SER A 396 7.14 1.18 2.70
N LEU A 397 6.32 0.52 1.88
CA LEU A 397 5.33 -0.44 2.41
C LEU A 397 6.01 -1.65 3.04
N TYR A 398 7.15 -2.08 2.48
CA TYR A 398 7.85 -3.24 2.98
C TYR A 398 9.19 -2.86 3.59
N ALA A 399 9.27 -1.67 4.18
CA ALA A 399 10.49 -1.23 4.83
C ALA A 399 10.91 -2.25 5.89
N SER A 400 12.19 -2.60 5.89
CA SER A 400 12.70 -3.59 6.82
C SER A 400 14.19 -3.38 6.95
N PRO A 401 14.79 -3.75 8.08
CA PRO A 401 16.26 -3.80 8.15
C PRO A 401 16.87 -4.70 7.10
N GLN A 402 16.19 -5.79 6.74
CA GLN A 402 16.71 -6.69 5.70
C GLN A 402 16.76 -5.97 4.35
N LEU A 403 15.87 -5.02 4.11
CA LEU A 403 15.93 -4.26 2.87
C LEU A 403 17.05 -3.23 2.90
N GLU A 404 17.29 -2.60 4.05
CA GLU A 404 18.37 -1.63 4.17
C GLU A 404 19.74 -2.30 4.12
N GLY A 405 19.83 -3.54 4.60
CA GLY A 405 21.06 -4.27 4.44
C GLY A 405 21.28 -4.67 3.01
N PHE A 406 20.27 -5.31 2.40
CA PHE A 406 20.37 -5.76 1.03
C PHE A 406 20.67 -4.61 0.07
N SER A 407 20.03 -3.47 0.29
CA SER A 407 20.21 -2.33 -0.63
C SER A 407 21.64 -1.84 -0.60
N ALA A 408 22.25 -1.77 0.57
CA ALA A 408 23.62 -1.27 0.66
C ALA A 408 24.59 -2.26 0.03
N GLU A 409 24.56 -3.51 0.50
CA GLU A 409 25.58 -4.47 0.10
C GLU A 409 25.46 -4.84 -1.36
N SER A 410 24.24 -4.96 -1.88
CA SER A 410 24.10 -5.38 -3.27
C SER A 410 24.62 -4.32 -4.22
N ARG A 411 24.46 -3.03 -3.89
CA ARG A 411 25.05 -2.00 -4.75
C ARG A 411 26.56 -2.15 -4.81
N LYS A 412 27.18 -2.63 -3.72
CA LYS A 412 28.61 -2.89 -3.76
C LYS A 412 28.95 -3.98 -4.79
N LEU A 413 28.25 -5.11 -4.71
CA LEU A 413 28.47 -6.17 -5.70
C LEU A 413 28.10 -5.72 -7.11
N LEU A 414 27.17 -4.77 -7.24
CA LEU A 414 26.78 -4.29 -8.55
C LEU A 414 27.93 -3.56 -9.25
N LEU A 415 28.47 -2.54 -8.59
CA LEU A 415 29.54 -1.76 -9.20
C LEU A 415 30.76 -2.63 -9.48
N ILE A 416 30.98 -3.67 -8.67
CA ILE A 416 32.10 -4.57 -8.92
C ILE A 416 31.85 -5.41 -10.16
N VAL A 417 30.64 -5.95 -10.30
CA VAL A 417 30.38 -6.89 -11.38
C VAL A 417 30.39 -6.17 -12.73
N GLN A 418 29.80 -4.97 -12.81
CA GLN A 418 29.86 -4.27 -14.09
C GLN A 418 31.18 -3.56 -14.30
N ALA A 419 31.98 -3.37 -13.25
CA ALA A 419 33.39 -3.02 -13.48
C ALA A 419 34.11 -4.16 -14.18
N LEU A 420 33.93 -5.39 -13.69
CA LEU A 420 34.49 -6.56 -14.37
C LEU A 420 33.88 -6.75 -15.75
N ARG A 421 32.59 -6.41 -15.89
CA ARG A 421 31.86 -6.73 -17.12
C ARG A 421 32.49 -6.04 -18.32
N ASP A 422 32.68 -4.72 -18.24
CA ASP A 422 33.13 -3.95 -19.38
C ASP A 422 34.65 -3.77 -19.43
N ASN A 423 35.41 -4.48 -18.59
CA ASN A 423 36.87 -4.45 -18.64
C ASN A 423 37.53 -5.83 -18.83
N LEU A 424 36.78 -6.92 -18.68
CA LEU A 424 37.33 -8.27 -18.82
C LEU A 424 36.29 -9.21 -19.44
N LEU A 431 36.02 -11.15 -2.40
CA LEU A 431 34.62 -10.73 -2.50
C LEU A 431 33.69 -11.87 -2.07
N GLY A 432 34.03 -12.55 -0.98
CA GLY A 432 33.26 -13.70 -0.52
C GLY A 432 32.52 -13.42 0.77
N GLY A 433 33.04 -12.49 1.58
CA GLY A 433 32.30 -12.03 2.73
C GLY A 433 31.18 -11.08 2.35
N LEU A 434 31.38 -10.31 1.28
CA LEU A 434 30.32 -9.44 0.78
C LEU A 434 29.06 -10.25 0.50
N TYR A 435 29.22 -11.36 -0.24
CA TYR A 435 28.09 -12.23 -0.52
C TYR A 435 27.39 -12.65 0.77
N GLU A 436 28.14 -12.88 1.85
CA GLU A 436 27.52 -13.29 3.10
C GLU A 436 26.74 -12.13 3.72
N ALA A 437 27.26 -10.91 3.62
CA ALA A 437 26.49 -9.76 4.10
C ALA A 437 25.17 -9.66 3.36
N ILE A 438 25.22 -9.61 2.02
CA ILE A 438 24.01 -9.53 1.22
C ILE A 438 23.07 -10.68 1.56
N GLU A 439 23.58 -11.92 1.49
CA GLU A 439 22.73 -13.08 1.70
C GLU A 439 22.26 -13.22 3.16
N GLU A 440 22.94 -12.56 4.10
CA GLU A 440 22.41 -12.50 5.46
C GLU A 440 21.11 -11.72 5.54
N CYS A 441 20.70 -11.07 4.45
CA CYS A 441 19.43 -10.36 4.39
C CYS A 441 18.33 -11.18 3.74
N LEU A 442 18.63 -12.37 3.25
CA LEU A 442 17.67 -13.14 2.47
C LEU A 442 17.09 -14.23 3.38
N ILE A 443 15.97 -13.93 4.02
CA ILE A 443 15.39 -14.84 5.00
C ILE A 443 13.93 -15.14 4.66
N ASN A 444 13.06 -14.13 4.73
CA ASN A 444 11.65 -14.40 4.53
C ASN A 444 10.84 -13.20 4.08
N ASP A 445 11.50 -12.09 3.81
CA ASP A 445 10.76 -10.90 3.41
C ASP A 445 10.43 -10.99 1.93
N PRO A 446 9.16 -10.94 1.53
CA PRO A 446 8.84 -11.03 0.11
C PRO A 446 9.50 -9.94 -0.72
N TRP A 447 9.59 -8.72 -0.19
CA TRP A 447 10.14 -7.62 -0.97
C TRP A 447 11.66 -7.76 -1.10
N VAL A 448 12.37 -8.05 -0.01
CA VAL A 448 13.81 -8.32 -0.12
C VAL A 448 14.07 -9.45 -1.09
N LEU A 449 13.33 -10.56 -0.94
CA LEU A 449 13.62 -11.73 -1.77
C LEU A 449 13.39 -11.45 -3.24
N LEU A 450 12.37 -10.65 -3.57
CA LEU A 450 12.07 -10.39 -4.97
C LEU A 450 13.15 -9.53 -5.62
N ASN A 451 13.67 -8.54 -4.89
CA ASN A 451 14.79 -7.76 -5.42
C ASN A 451 16.02 -8.62 -5.62
N ALA A 452 16.24 -9.57 -4.71
CA ALA A 452 17.34 -10.51 -4.84
C ALA A 452 17.16 -11.39 -6.08
N SER A 453 15.93 -11.86 -6.30
CA SER A 453 15.62 -12.49 -7.58
C SER A 453 15.97 -11.56 -8.74
N TRP A 454 15.51 -10.30 -8.67
CA TRP A 454 15.85 -9.31 -9.70
C TRP A 454 17.34 -9.13 -9.85
N PHE A 455 18.06 -9.03 -8.72
CA PHE A 455 19.50 -8.87 -8.74
C PHE A 455 20.18 -9.99 -9.53
N ASN A 456 19.66 -11.22 -9.43
CA ASN A 456 20.29 -12.34 -10.12
C ASN A 456 20.04 -12.29 -11.62
N SER A 457 18.93 -11.67 -12.06
CA SER A 457 18.75 -11.43 -13.48
C SER A 457 19.84 -10.51 -14.03
N PHE A 458 20.12 -9.41 -13.31
CA PHE A 458 21.21 -8.53 -13.73
C PHE A 458 22.53 -9.28 -13.83
N LEU A 459 22.73 -10.33 -13.02
CA LEU A 459 23.97 -11.09 -13.11
C LEU A 459 24.00 -11.97 -14.36
N THR A 460 22.84 -12.30 -14.91
CA THR A 460 22.82 -13.10 -16.13
C THR A 460 23.01 -12.22 -17.37
N HIS A 461 22.25 -11.14 -17.48
CA HIS A 461 22.47 -10.18 -18.57
C HIS A 461 23.66 -9.28 -18.26
C10 6AY B . -25.18 -3.88 7.20
C11 6AY B . -24.75 -2.56 7.13
C12 6AY B . -24.50 -1.85 8.30
C14 6AY B . -24.69 -2.46 9.53
C15 6AY B . -25.12 -3.78 9.60
C17 6AY B . -26.55 -10.21 7.16
C19 6AY B . -27.95 -8.79 5.88
C01 6AY B . -29.98 -9.17 4.43
N02 6AY B . -28.95 -8.35 5.05
N03 6AY B . -28.82 -7.00 4.90
C04 6AY B . -27.78 -6.57 5.61
C05 6AY B . -27.19 -7.71 6.25
C06 6AY B . -26.08 -7.94 7.12
N07 6AY B . -25.28 -6.81 7.55
C08 6AY B . -25.84 -5.94 8.57
C09 6AY B . -25.37 -4.48 8.44
CL 6AY B . -23.95 -0.16 8.27
N16 6AY B . -25.80 -9.19 7.54
N18 6AY B . -27.60 -10.04 6.35
S DMS C . -1.12 1.09 9.57
O DMS C . -2.34 0.27 9.26
C1 DMS C . -1.53 2.52 10.59
C2 DMS C . 0.05 0.21 10.60
#